data_4P7Q
#
_entry.id   4P7Q
#
_cell.length_a   42.380
_cell.length_b   77.958
_cell.length_c   115.276
_cell.angle_alpha   90.000
_cell.angle_beta   90.000
_cell.angle_gamma   90.000
#
_symmetry.space_group_name_H-M   'P 21 21 21'
#
loop_
_entity.id
_entity.type
_entity.pdbx_description
1 polymer 'Poly-beta-1,6-N-acetyl-D-glucosamine N-deacetylase'
2 non-polymer 1,2-ETHANEDIOL
3 non-polymer 2-acetamido-2-deoxy-beta-D-glucopyranose
4 water water
#
_entity_poly.entity_id   1
_entity_poly.type   'polypeptide(L)'
_entity_poly.pdbx_seq_one_letter_code
;GSHMEKSPQRIMHIDLDYVYDENLQQMDRNIDVLIQRVKDMQISTVYLQAFADPDGDGLVKEVWFPNRLLPMKADIFSRV
AWQLRTRSGVNIYAWMPVLSWDLDPTLTRVKYLPTGEKKAQIHPEQYHRLSPFDDRVRAQVGMLYEDLAGHAAFDGILFH
DDALLSDYEDASAPAITAYQQAGFSGSLSEIRQNPEQFKQWARFKSRALTDFTLELSARVKAIRGPHIKTARNIFALPVI
QPESEAWFAQNYADFLKSYDWTAIMAMPYLEGVAEKSADQWLIQLTNQIKNIPQAKDKSILELQAQNWQKNGQHQAISSQ
QLAHWMSLLQLNGVKNYGYYPDNFLHNQPEIDLIRPEFSTAWYPKND
;
_entity_poly.pdbx_strand_id   A
#
# COMPACT_ATOMS: atom_id res chain seq x y z
N GLU A 5 12.40 6.81 -14.82
CA GLU A 5 12.91 6.50 -13.49
C GLU A 5 14.17 5.64 -13.55
N LYS A 6 15.30 6.24 -13.19
CA LYS A 6 16.60 5.57 -13.30
C LYS A 6 16.76 4.45 -12.29
N SER A 7 17.33 3.34 -12.75
CA SER A 7 17.57 2.17 -11.91
C SER A 7 18.80 2.37 -11.03
N PRO A 8 18.85 1.69 -9.88
CA PRO A 8 17.77 0.92 -9.28
C PRO A 8 16.84 1.79 -8.45
N GLN A 9 15.69 1.24 -8.10
CA GLN A 9 14.76 1.99 -7.28
C GLN A 9 15.04 1.71 -5.81
N ARG A 10 15.16 2.78 -5.04
CA ARG A 10 15.37 2.65 -3.60
C ARG A 10 14.36 3.54 -2.90
N ILE A 11 13.47 2.94 -2.12
CA ILE A 11 12.25 3.60 -1.69
C ILE A 11 12.19 3.76 -0.18
N MET A 12 11.94 4.98 0.29
CA MET A 12 11.58 5.22 1.69
C MET A 12 10.09 5.43 1.75
N HIS A 13 9.42 4.72 2.65
CA HIS A 13 7.97 4.74 2.72
C HIS A 13 7.65 5.44 4.03
N ILE A 14 7.06 6.63 3.93
CA ILE A 14 7.08 7.60 5.04
C ILE A 14 5.67 8.05 5.47
N ASP A 15 5.39 7.93 6.78
CA ASP A 15 4.16 8.46 7.38
C ASP A 15 4.36 9.91 7.79
N LEU A 16 3.34 10.75 7.62
CA LEU A 16 3.44 12.14 8.11
C LEU A 16 2.87 12.32 9.50
N ASP A 17 2.30 11.27 10.08
CA ASP A 17 1.81 11.33 11.45
C ASP A 17 2.92 11.76 12.42
N TYR A 18 4.16 11.35 12.13
CA TYR A 18 5.34 11.66 12.95
C TYR A 18 5.69 13.14 12.89
N VAL A 19 5.44 13.71 11.72
CA VAL A 19 5.83 15.08 11.39
C VAL A 19 4.87 16.07 12.03
N TYR A 20 3.60 15.67 12.06
CA TYR A 20 2.56 16.52 12.60
C TYR A 20 2.82 16.93 14.06
N ASP A 21 2.60 18.21 14.35
CA ASP A 21 2.60 18.70 15.72
C ASP A 21 1.60 19.84 15.80
N GLU A 22 0.88 19.95 16.92
CA GLU A 22 -0.10 21.02 17.10
C GLU A 22 0.59 22.37 17.14
N ASN A 23 1.87 22.35 17.52
CA ASN A 23 2.67 23.56 17.54
C ASN A 23 3.30 23.75 16.17
N LEU A 24 2.95 24.84 15.50
CA LEU A 24 3.35 25.03 14.11
C LEU A 24 4.87 25.15 13.96
N GLN A 25 5.53 25.82 14.90
CA GLN A 25 6.98 25.95 14.84
C GLN A 25 7.64 24.59 14.97
N GLN A 26 7.13 23.75 15.85
CA GLN A 26 7.69 22.40 15.98
C GLN A 26 7.48 21.60 14.70
N MET A 27 6.29 21.71 14.10
CA MET A 27 6.02 20.99 12.87
C MET A 27 6.98 21.47 11.77
N ASP A 28 7.28 22.76 11.75
CA ASP A 28 8.24 23.31 10.80
C ASP A 28 9.61 22.66 10.95
N ARG A 29 10.10 22.59 12.18
CA ARG A 29 11.41 21.99 12.41
C ARG A 29 11.36 20.51 12.07
N ASN A 30 10.24 19.85 12.37
CA ASN A 30 10.11 18.43 12.03
C ASN A 30 10.23 18.19 10.53
N ILE A 31 9.52 19.01 9.76
CA ILE A 31 9.55 18.90 8.30
C ILE A 31 10.96 19.14 7.78
N ASP A 32 11.64 20.15 8.34
CA ASP A 32 13.00 20.47 7.93
C ASP A 32 13.93 19.27 8.15
N VAL A 33 13.81 18.63 9.32
CA VAL A 33 14.64 17.48 9.64
C VAL A 33 14.35 16.32 8.69
N LEU A 34 13.07 16.10 8.41
CA LEU A 34 12.66 15.04 7.47
C LEU A 34 13.23 15.28 6.07
N ILE A 35 13.15 16.51 5.59
CA ILE A 35 13.64 16.82 4.25
C ILE A 35 15.13 16.54 4.19
N GLN A 36 15.85 16.98 5.22
CA GLN A 36 17.29 16.77 5.26
C GLN A 36 17.65 15.28 5.34
N ARG A 37 16.87 14.53 6.13
CA ARG A 37 17.10 13.09 6.27
C ARG A 37 16.98 12.37 4.94
N VAL A 38 15.91 12.66 4.20
CA VAL A 38 15.72 12.03 2.90
C VAL A 38 16.84 12.44 1.95
N LYS A 39 17.22 13.72 1.98
CA LYS A 39 18.32 14.17 1.14
C LYS A 39 19.60 13.41 1.45
N ASP A 40 19.92 13.29 2.73
CA ASP A 40 21.13 12.59 3.19
C ASP A 40 21.14 11.11 2.80
N MET A 41 19.97 10.49 2.75
CA MET A 41 19.88 9.07 2.46
C MET A 41 20.32 8.78 1.03
N GLN A 42 20.09 9.74 0.15
CA GLN A 42 20.45 9.65 -1.27
C GLN A 42 19.86 8.40 -1.92
N ILE A 43 18.54 8.40 -2.04
CA ILE A 43 17.83 7.29 -2.68
C ILE A 43 16.89 7.86 -3.74
N SER A 44 16.00 7.06 -4.31
CA SER A 44 15.35 7.49 -5.53
C SER A 44 13.94 8.00 -5.34
N THR A 45 13.22 7.44 -4.37
CA THR A 45 11.77 7.56 -4.33
C THR A 45 11.25 7.58 -2.90
N VAL A 46 10.26 8.45 -2.64
CA VAL A 46 9.53 8.38 -1.37
C VAL A 46 8.07 8.08 -1.63
N TYR A 47 7.54 7.07 -0.94
CA TYR A 47 6.10 6.82 -0.90
C TYR A 47 5.57 7.63 0.28
N LEU A 48 4.80 8.67 0.01
CA LEU A 48 4.46 9.65 1.06
C LEU A 48 3.00 9.58 1.44
N GLN A 49 2.76 9.31 2.72
CA GLN A 49 1.40 9.24 3.28
C GLN A 49 0.58 10.51 3.04
N ALA A 50 -0.61 10.38 2.46
CA ALA A 50 -1.44 11.56 2.17
C ALA A 50 -2.62 11.65 3.12
N PHE A 51 -2.79 10.61 3.93
CA PHE A 51 -3.91 10.47 4.86
C PHE A 51 -3.38 10.48 6.29
N ALA A 52 -4.19 10.86 7.27
CA ALA A 52 -3.76 10.75 8.66
C ALA A 52 -4.09 9.37 9.21
N ASP A 53 -3.21 8.86 10.06
CA ASP A 53 -3.42 7.56 10.70
C ASP A 53 -2.86 7.56 12.13
N PRO A 54 -3.42 8.42 12.99
CA PRO A 54 -2.87 8.55 14.35
C PRO A 54 -3.10 7.32 15.24
N ASP A 55 -4.16 6.56 14.98
CA ASP A 55 -4.57 5.48 15.89
C ASP A 55 -4.37 4.07 15.34
N GLY A 56 -4.04 3.97 14.05
CA GLY A 56 -3.76 2.69 13.43
C GLY A 56 -4.99 1.80 13.39
N ASP A 57 -6.16 2.41 13.25
CA ASP A 57 -7.39 1.65 13.38
C ASP A 57 -8.04 1.26 12.04
N GLY A 58 -7.28 1.32 10.96
CA GLY A 58 -7.72 0.76 9.69
C GLY A 58 -8.84 1.52 8.99
N LEU A 59 -8.93 2.81 9.28
CA LEU A 59 -9.99 3.66 8.74
C LEU A 59 -9.47 5.09 8.66
N VAL A 60 -9.56 5.72 7.50
CA VAL A 60 -9.11 7.12 7.37
C VAL A 60 -10.26 8.09 7.66
N LYS A 61 -10.04 8.93 8.68
CA LYS A 61 -11.04 9.90 9.09
C LYS A 61 -10.64 11.33 8.71
N GLU A 62 -9.33 11.55 8.56
CA GLU A 62 -8.77 12.87 8.25
C GLU A 62 -7.61 12.71 7.27
N VAL A 63 -7.33 13.75 6.50
CA VAL A 63 -6.25 13.70 5.51
C VAL A 63 -5.34 14.93 5.61
N TRP A 64 -4.26 14.89 4.84
CA TRP A 64 -3.24 15.93 4.89
C TRP A 64 -3.37 16.93 3.73
N PHE A 65 -4.54 16.99 3.11
CA PHE A 65 -4.75 17.89 1.98
C PHE A 65 -6.18 18.43 1.97
N PRO A 66 -6.38 19.63 1.39
CA PRO A 66 -7.72 20.21 1.31
C PRO A 66 -8.61 19.39 0.39
N ASN A 67 -9.87 19.19 0.77
CA ASN A 67 -10.73 18.33 -0.02
C ASN A 67 -12.19 18.52 0.31
N ARG A 68 -13.07 17.88 -0.46
CA ARG A 68 -14.50 18.13 -0.36
C ARG A 68 -15.24 17.27 0.64
N LEU A 69 -14.61 16.19 1.12
CA LEU A 69 -15.38 15.16 1.79
C LEU A 69 -14.94 14.81 3.22
N LEU A 70 -13.66 15.02 3.54
CA LEU A 70 -13.12 14.65 4.85
C LEU A 70 -12.37 15.79 5.51
N PRO A 71 -12.35 15.82 6.86
CA PRO A 71 -11.56 16.86 7.54
C PRO A 71 -10.09 16.82 7.15
N MET A 72 -9.49 18.00 7.00
CA MET A 72 -8.06 18.14 6.80
C MET A 72 -7.39 18.38 8.15
N LYS A 73 -6.57 17.44 8.59
CA LYS A 73 -5.92 17.58 9.89
C LYS A 73 -4.91 18.71 9.85
N ALA A 74 -4.15 18.74 8.77
CA ALA A 74 -3.20 19.81 8.52
C ALA A 74 -2.85 19.81 7.04
N ASP A 75 -2.61 20.99 6.48
CA ASP A 75 -2.27 21.09 5.07
C ASP A 75 -0.77 20.91 4.89
N ILE A 76 -0.31 19.66 4.87
CA ILE A 76 1.13 19.42 4.82
C ILE A 76 1.62 18.45 3.72
N PHE A 77 0.73 17.70 3.07
CA PHE A 77 1.21 16.80 2.03
C PHE A 77 1.91 17.57 0.90
N SER A 78 1.26 18.59 0.37
CA SER A 78 1.82 19.32 -0.78
C SER A 78 3.13 20.00 -0.40
N ARG A 79 3.17 20.55 0.81
CA ARG A 79 4.33 21.26 1.34
C ARG A 79 5.53 20.34 1.46
N VAL A 80 5.33 19.15 2.03
CA VAL A 80 6.42 18.20 2.15
C VAL A 80 6.80 17.67 0.76
N ALA A 81 5.79 17.41 -0.06
CA ALA A 81 6.04 16.82 -1.39
C ALA A 81 6.94 17.69 -2.25
N TRP A 82 6.64 18.97 -2.36
CA TRP A 82 7.44 19.77 -3.32
C TRP A 82 8.86 19.96 -2.81
N GLN A 83 9.05 19.95 -1.49
CA GLN A 83 10.40 20.11 -0.94
C GLN A 83 11.20 18.82 -1.12
N LEU A 84 10.56 17.67 -0.94
CA LEU A 84 11.25 16.41 -1.20
C LEU A 84 11.65 16.30 -2.68
N ARG A 85 10.78 16.79 -3.57
CA ARG A 85 11.03 16.68 -5.01
C ARG A 85 12.13 17.59 -5.53
N THR A 86 12.43 18.67 -4.81
CA THR A 86 13.35 19.70 -5.30
C THR A 86 14.61 19.90 -4.46
N ARG A 87 14.52 19.55 -3.19
CA ARG A 87 15.65 19.65 -2.26
C ARG A 87 16.24 18.29 -1.97
N SER A 88 15.40 17.26 -1.87
CA SER A 88 15.89 15.95 -1.46
C SER A 88 16.15 15.01 -2.64
N GLY A 89 15.80 15.44 -3.85
CA GLY A 89 16.18 14.68 -5.04
C GLY A 89 15.40 13.40 -5.28
N VAL A 90 14.17 13.35 -4.80
CA VAL A 90 13.38 12.12 -4.97
C VAL A 90 12.09 12.32 -5.76
N ASN A 91 11.63 11.25 -6.38
CA ASN A 91 10.25 11.19 -6.87
C ASN A 91 9.32 10.95 -5.71
N ILE A 92 8.11 11.50 -5.79
CA ILE A 92 7.11 11.30 -4.72
C ILE A 92 5.90 10.57 -5.25
N TYR A 93 5.53 9.46 -4.60
CA TYR A 93 4.26 8.80 -4.85
C TYR A 93 3.32 9.15 -3.72
N ALA A 94 2.13 9.63 -4.06
CA ALA A 94 1.10 9.87 -3.08
C ALA A 94 0.50 8.55 -2.65
N TRP A 95 0.69 8.21 -1.38
CA TRP A 95 0.18 6.97 -0.81
C TRP A 95 -1.24 7.18 -0.30
N MET A 96 -2.18 6.47 -0.92
CA MET A 96 -3.61 6.65 -0.68
C MET A 96 -4.33 5.33 -0.45
N PRO A 97 -5.21 5.27 0.56
CA PRO A 97 -6.12 4.12 0.66
C PRO A 97 -6.95 3.98 -0.61
N VAL A 98 -7.30 2.74 -0.95
CA VAL A 98 -8.20 2.53 -2.05
C VAL A 98 -9.64 2.56 -1.53
N LEU A 99 -9.87 1.94 -0.37
CA LEU A 99 -11.25 1.70 0.08
C LEU A 99 -11.59 2.18 1.47
N SER A 100 -10.58 2.33 2.34
CA SER A 100 -10.85 2.46 3.77
C SER A 100 -11.03 3.91 4.21
N TRP A 101 -12.16 4.47 3.81
CA TRP A 101 -12.47 5.87 4.02
C TRP A 101 -13.72 6.01 4.89
N ASP A 102 -13.70 6.94 5.84
CA ASP A 102 -14.82 7.14 6.78
C ASP A 102 -15.87 8.07 6.17
N LEU A 103 -16.49 7.64 5.07
CA LEU A 103 -17.44 8.47 4.35
C LEU A 103 -18.89 8.22 4.80
N ASP A 104 -19.84 8.93 4.17
CA ASP A 104 -21.28 8.81 4.44
C ASP A 104 -21.68 7.39 4.82
N PRO A 105 -22.35 7.22 5.97
CA PRO A 105 -22.79 5.88 6.40
C PRO A 105 -23.65 5.12 5.38
N THR A 106 -24.34 5.81 4.48
CA THR A 106 -25.19 5.09 3.53
C THR A 106 -24.37 4.46 2.40
N LEU A 107 -23.09 4.82 2.30
CA LEU A 107 -22.21 4.14 1.35
C LEU A 107 -21.96 2.71 1.79
N THR A 108 -21.90 1.80 0.83
CA THR A 108 -21.78 0.37 1.12
C THR A 108 -20.42 0.03 1.67
N ARG A 109 -20.41 -0.65 2.82
CA ARG A 109 -19.20 -1.25 3.37
C ARG A 109 -19.00 -2.68 2.89
N VAL A 110 -17.75 -3.06 2.65
CA VAL A 110 -17.43 -4.48 2.46
C VAL A 110 -17.87 -5.27 3.69
N LYS A 111 -18.49 -6.42 3.46
CA LYS A 111 -18.84 -7.32 4.54
C LYS A 111 -18.37 -8.72 4.21
N TYR A 112 -18.24 -9.55 5.25
CA TYR A 112 -17.98 -10.97 5.04
C TYR A 112 -19.12 -11.81 5.59
N LEU A 113 -19.26 -13.03 5.08
CA LEU A 113 -20.28 -13.94 5.56
C LEU A 113 -19.69 -14.93 6.58
N PRO A 114 -20.02 -14.75 7.87
CA PRO A 114 -19.45 -15.64 8.88
C PRO A 114 -20.02 -17.04 8.79
N THR A 115 -19.16 -18.03 8.99
CA THR A 115 -19.59 -19.42 9.04
C THR A 115 -20.69 -19.60 10.08
N GLY A 116 -21.79 -20.22 9.67
CA GLY A 116 -22.88 -20.53 10.58
C GLY A 116 -23.84 -19.38 10.82
N GLU A 117 -23.60 -18.26 10.16
CA GLU A 117 -24.43 -17.07 10.32
C GLU A 117 -25.08 -16.65 8.99
N LYS A 118 -26.32 -16.18 9.05
CA LYS A 118 -27.05 -15.80 7.84
C LYS A 118 -26.71 -14.37 7.36
N LYS A 119 -26.46 -13.48 8.31
CA LYS A 119 -26.27 -12.07 7.99
C LYS A 119 -24.78 -11.71 7.85
N ALA A 120 -24.44 -10.95 6.82
CA ALA A 120 -23.06 -10.54 6.60
C ALA A 120 -22.65 -9.52 7.65
N GLN A 121 -21.35 -9.47 7.95
CA GLN A 121 -20.84 -8.63 9.03
C GLN A 121 -19.52 -7.97 8.64
N ILE A 122 -19.08 -7.02 9.44
CA ILE A 122 -17.79 -6.35 9.21
C ILE A 122 -16.75 -6.93 10.15
N HIS A 123 -15.67 -7.49 9.60
CA HIS A 123 -14.67 -8.16 10.45
C HIS A 123 -13.78 -7.13 11.15
N PRO A 124 -13.69 -7.20 12.50
CA PRO A 124 -12.95 -6.16 13.23
C PRO A 124 -11.44 -6.16 12.99
N GLU A 125 -10.90 -7.24 12.45
CA GLU A 125 -9.45 -7.32 12.26
C GLU A 125 -9.01 -6.99 10.84
N GLN A 126 -9.94 -6.49 10.03
CA GLN A 126 -9.68 -6.12 8.65
C GLN A 126 -9.77 -4.62 8.46
N TYR A 127 -9.12 -4.12 7.41
CA TYR A 127 -9.31 -2.73 7.03
C TYR A 127 -10.79 -2.44 6.89
N HIS A 128 -11.20 -1.27 7.35
CA HIS A 128 -12.60 -0.87 7.26
C HIS A 128 -12.90 -0.30 5.89
N ARG A 129 -13.10 -1.23 4.94
CA ARG A 129 -13.19 -0.94 3.52
C ARG A 129 -14.59 -0.65 3.06
N LEU A 130 -14.74 0.40 2.25
CA LEU A 130 -15.95 0.60 1.46
C LEU A 130 -15.97 -0.40 0.29
N SER A 131 -17.16 -0.71 -0.21
CA SER A 131 -17.27 -1.69 -1.29
C SER A 131 -17.02 -1.09 -2.66
N PRO A 132 -16.14 -1.73 -3.45
CA PRO A 132 -15.89 -1.26 -4.81
C PRO A 132 -17.05 -1.56 -5.76
N PHE A 133 -18.05 -2.29 -5.27
CA PHE A 133 -19.21 -2.63 -6.08
C PHE A 133 -20.36 -1.64 -5.93
N ASP A 134 -20.11 -0.58 -5.14
CA ASP A 134 -21.06 0.52 -4.95
C ASP A 134 -20.55 1.70 -5.81
N ASP A 135 -21.32 2.11 -6.81
CA ASP A 135 -20.82 3.14 -7.74
C ASP A 135 -20.66 4.50 -7.07
N ARG A 136 -21.39 4.74 -5.99
CA ARG A 136 -21.21 6.04 -5.33
C ARG A 136 -19.94 6.04 -4.52
N VAL A 137 -19.54 4.87 -4.01
CA VAL A 137 -18.23 4.73 -3.37
C VAL A 137 -17.15 5.07 -4.39
N ARG A 138 -17.28 4.54 -5.60
CA ARG A 138 -16.28 4.80 -6.64
C ARG A 138 -16.20 6.30 -6.94
N ALA A 139 -17.35 6.96 -6.99
CA ALA A 139 -17.41 8.39 -7.25
C ALA A 139 -16.78 9.20 -6.14
N GLN A 140 -17.10 8.87 -4.89
CA GLN A 140 -16.62 9.68 -3.77
C GLN A 140 -15.13 9.47 -3.52
N VAL A 141 -14.66 8.24 -3.65
CA VAL A 141 -13.22 8.01 -3.54
C VAL A 141 -12.53 8.71 -4.72
N GLY A 142 -13.15 8.65 -5.89
CA GLY A 142 -12.65 9.42 -7.03
C GLY A 142 -12.49 10.89 -6.71
N MET A 143 -13.46 11.46 -6.01
CA MET A 143 -13.41 12.87 -5.65
C MET A 143 -12.22 13.17 -4.74
N LEU A 144 -11.94 12.26 -3.81
CA LEU A 144 -10.79 12.43 -2.91
C LEU A 144 -9.47 12.46 -3.67
N TYR A 145 -9.33 11.53 -4.61
CA TYR A 145 -8.12 11.48 -5.44
C TYR A 145 -8.02 12.73 -6.33
N GLU A 146 -9.15 13.19 -6.85
CA GLU A 146 -9.16 14.41 -7.65
C GLU A 146 -8.75 15.63 -6.82
N ASP A 147 -9.21 15.68 -5.57
CA ASP A 147 -8.86 16.81 -4.71
C ASP A 147 -7.36 16.80 -4.40
N LEU A 148 -6.81 15.62 -4.15
CA LEU A 148 -5.37 15.47 -3.97
C LEU A 148 -4.62 15.95 -5.20
N ALA A 149 -5.04 15.50 -6.37
CA ALA A 149 -4.37 15.84 -7.63
C ALA A 149 -4.42 17.33 -7.92
N GLY A 150 -5.50 17.98 -7.50
CA GLY A 150 -5.66 19.40 -7.75
C GLY A 150 -4.83 20.28 -6.83
N HIS A 151 -4.57 19.79 -5.62
CA HIS A 151 -3.88 20.62 -4.63
C HIS A 151 -2.37 20.39 -4.59
N ALA A 152 -1.93 19.20 -4.99
CA ALA A 152 -0.53 18.83 -4.81
C ALA A 152 0.06 18.32 -6.12
N ALA A 153 1.36 18.52 -6.28
CA ALA A 153 2.07 17.96 -7.42
C ALA A 153 2.95 16.81 -6.97
N PHE A 154 3.00 15.74 -7.76
CA PHE A 154 3.73 14.54 -7.37
C PHE A 154 3.97 13.70 -8.62
N ASP A 155 4.73 12.63 -8.45
CA ASP A 155 5.22 11.86 -9.59
C ASP A 155 4.50 10.55 -9.80
N GLY A 156 3.81 10.08 -8.77
CA GLY A 156 3.16 8.78 -8.83
C GLY A 156 2.08 8.64 -7.79
N ILE A 157 1.33 7.55 -7.88
CA ILE A 157 0.33 7.17 -6.88
C ILE A 157 0.72 5.81 -6.36
N LEU A 158 0.74 5.64 -5.03
CA LEU A 158 0.81 4.31 -4.43
C LEU A 158 -0.54 3.91 -3.89
N PHE A 159 -1.14 2.87 -4.50
CA PHE A 159 -2.39 2.34 -3.98
C PHE A 159 -2.12 1.41 -2.81
N HIS A 160 -2.81 1.70 -1.72
CA HIS A 160 -2.67 1.02 -0.42
C HIS A 160 -2.97 -0.47 -0.52
N ASP A 161 -2.46 -1.24 0.42
CA ASP A 161 -2.73 -2.68 0.47
C ASP A 161 -4.15 -3.00 0.96
N ASP A 162 -4.98 -1.99 1.20
CA ASP A 162 -6.34 -2.25 1.66
C ASP A 162 -7.26 -2.68 0.51
N ALA A 163 -6.74 -2.69 -0.71
CA ALA A 163 -7.48 -3.23 -1.84
C ALA A 163 -7.31 -4.75 -1.84
N LEU A 164 -8.05 -5.40 -0.94
CA LEU A 164 -8.03 -6.86 -0.83
C LEU A 164 -9.44 -7.32 -0.43
N LEU A 165 -9.77 -8.55 -0.78
CA LEU A 165 -11.02 -9.19 -0.36
C LEU A 165 -10.75 -10.65 -0.06
N SER A 166 -11.39 -11.17 0.98
CA SER A 166 -11.24 -12.58 1.34
C SER A 166 -12.19 -13.47 0.53
N ASP A 167 -12.08 -14.78 0.74
CA ASP A 167 -12.97 -15.74 0.07
C ASP A 167 -14.34 -15.77 0.71
N TYR A 168 -14.57 -14.93 1.73
CA TYR A 168 -15.90 -14.79 2.32
C TYR A 168 -16.47 -13.39 2.09
N GLU A 169 -15.78 -12.61 1.24
CA GLU A 169 -16.12 -11.24 0.89
C GLU A 169 -16.20 -11.11 -0.63
N ASP A 170 -16.73 -10.01 -1.18
CA ASP A 170 -17.57 -9.04 -0.48
C ASP A 170 -18.99 -9.60 -0.45
N ALA A 171 -19.58 -9.64 0.75
CA ALA A 171 -20.89 -10.22 0.96
C ALA A 171 -22.00 -9.16 0.99
N SER A 172 -21.61 -7.91 0.72
CA SER A 172 -22.59 -6.81 0.72
C SER A 172 -23.59 -6.99 -0.40
N ALA A 173 -24.76 -6.35 -0.27
CA ALA A 173 -25.81 -6.50 -1.29
C ALA A 173 -25.39 -6.03 -2.69
N PRO A 174 -24.68 -4.88 -2.81
CA PRO A 174 -24.25 -4.51 -4.16
C PRO A 174 -23.26 -5.48 -4.78
N ALA A 175 -22.46 -6.13 -3.95
CA ALA A 175 -21.51 -7.13 -4.44
C ALA A 175 -22.28 -8.33 -4.98
N ILE A 176 -23.30 -8.75 -4.23
CA ILE A 176 -24.14 -9.88 -4.65
C ILE A 176 -24.76 -9.61 -6.01
N THR A 177 -25.28 -8.40 -6.19
CA THR A 177 -25.84 -7.99 -7.48
C THR A 177 -24.79 -8.06 -8.58
N ALA A 178 -23.59 -7.59 -8.26
CA ALA A 178 -22.49 -7.62 -9.24
C ALA A 178 -22.17 -9.05 -9.67
N TYR A 179 -22.08 -9.97 -8.70
CA TYR A 179 -21.82 -11.37 -9.04
C TYR A 179 -22.93 -11.95 -9.90
N GLN A 180 -24.19 -11.67 -9.53
CA GLN A 180 -25.34 -12.17 -10.29
C GLN A 180 -25.29 -11.70 -11.73
N GLN A 181 -25.00 -10.42 -11.93
CA GLN A 181 -25.03 -9.86 -13.27
C GLN A 181 -23.86 -10.35 -14.11
N ALA A 182 -22.82 -10.83 -13.43
CA ALA A 182 -21.64 -11.40 -14.07
C ALA A 182 -21.80 -12.89 -14.36
N GLY A 183 -22.93 -13.48 -13.97
CA GLY A 183 -23.20 -14.86 -14.31
C GLY A 183 -22.94 -15.89 -13.23
N PHE A 184 -22.55 -15.43 -12.04
CA PHE A 184 -22.32 -16.36 -10.95
C PHE A 184 -23.64 -16.88 -10.42
N SER A 185 -23.63 -18.15 -10.02
CA SER A 185 -24.86 -18.86 -9.67
C SER A 185 -24.97 -19.07 -8.17
N GLY A 186 -26.10 -18.65 -7.61
CA GLY A 186 -26.38 -18.96 -6.22
C GLY A 186 -25.87 -17.96 -5.20
N SER A 187 -25.90 -18.37 -3.95
CA SER A 187 -25.46 -17.52 -2.86
C SER A 187 -23.95 -17.43 -2.82
N LEU A 188 -23.43 -16.50 -2.02
CA LEU A 188 -21.98 -16.39 -1.87
C LEU A 188 -21.43 -17.71 -1.37
N SER A 189 -22.14 -18.34 -0.45
CA SER A 189 -21.69 -19.62 0.11
C SER A 189 -21.57 -20.68 -0.97
N GLU A 190 -22.55 -20.70 -1.87
CA GLU A 190 -22.54 -21.64 -2.97
C GLU A 190 -21.43 -21.36 -3.98
N ILE A 191 -21.26 -20.10 -4.35
CA ILE A 191 -20.22 -19.73 -5.31
C ILE A 191 -18.84 -20.14 -4.81
N ARG A 192 -18.53 -19.78 -3.58
CA ARG A 192 -17.18 -19.99 -3.05
C ARG A 192 -16.86 -21.47 -2.85
N GLN A 193 -17.88 -22.33 -2.81
CA GLN A 193 -17.65 -23.77 -2.71
C GLN A 193 -18.00 -24.53 -3.99
N ASN A 194 -18.19 -23.78 -5.07
CA ASN A 194 -18.49 -24.37 -6.38
C ASN A 194 -17.19 -24.59 -7.16
N PRO A 195 -16.83 -25.86 -7.42
CA PRO A 195 -15.57 -26.12 -8.12
C PRO A 195 -15.48 -25.43 -9.47
N GLU A 196 -16.62 -25.17 -10.09
CA GLU A 196 -16.65 -24.65 -11.44
C GLU A 196 -16.76 -23.13 -11.47
N GLN A 197 -16.94 -22.51 -10.31
CA GLN A 197 -17.03 -21.05 -10.28
C GLN A 197 -16.11 -20.36 -9.30
N PHE A 198 -15.53 -21.07 -8.33
CA PHE A 198 -14.85 -20.36 -7.26
C PHE A 198 -13.57 -19.68 -7.74
N LYS A 199 -12.87 -20.27 -8.70
CA LYS A 199 -11.64 -19.61 -9.20
C LYS A 199 -12.01 -18.39 -10.03
N GLN A 200 -13.03 -18.54 -10.86
CA GLN A 200 -13.52 -17.44 -11.68
C GLN A 200 -14.02 -16.29 -10.80
N TRP A 201 -14.63 -16.63 -9.66
CA TRP A 201 -15.13 -15.63 -8.72
C TRP A 201 -13.98 -14.88 -8.07
N ALA A 202 -12.95 -15.62 -7.67
CA ALA A 202 -11.75 -14.99 -7.13
C ALA A 202 -11.15 -14.00 -8.14
N ARG A 203 -11.06 -14.42 -9.40
CA ARG A 203 -10.47 -13.58 -10.44
C ARG A 203 -11.34 -12.38 -10.73
N PHE A 204 -12.66 -12.56 -10.66
CA PHE A 204 -13.60 -11.47 -10.87
C PHE A 204 -13.38 -10.37 -9.84
N LYS A 205 -13.16 -10.78 -8.60
CA LYS A 205 -12.92 -9.82 -7.52
C LYS A 205 -11.56 -9.14 -7.67
N SER A 206 -10.54 -9.89 -8.06
CA SER A 206 -9.23 -9.29 -8.32
C SER A 206 -9.31 -8.23 -9.39
N ARG A 207 -9.97 -8.57 -10.48
CA ARG A 207 -10.13 -7.65 -11.61
C ARG A 207 -10.92 -6.42 -11.19
N ALA A 208 -11.92 -6.62 -10.33
CA ALA A 208 -12.75 -5.51 -9.89
C ALA A 208 -11.93 -4.50 -9.11
N LEU A 209 -11.06 -5.01 -8.24
CA LEU A 209 -10.20 -4.12 -7.45
C LEU A 209 -9.23 -3.38 -8.35
N THR A 210 -8.58 -4.12 -9.24
CA THR A 210 -7.62 -3.52 -10.15
C THR A 210 -8.30 -2.47 -11.04
N ASP A 211 -9.44 -2.82 -11.62
CA ASP A 211 -10.15 -1.88 -12.47
C ASP A 211 -10.50 -0.61 -11.71
N PHE A 212 -10.86 -0.75 -10.43
CA PHE A 212 -11.18 0.42 -9.63
C PHE A 212 -9.94 1.31 -9.46
N THR A 213 -8.79 0.72 -9.14
CA THR A 213 -7.59 1.55 -9.02
C THR A 213 -7.22 2.22 -10.35
N LEU A 214 -7.48 1.55 -11.48
CA LEU A 214 -7.14 2.14 -12.76
C LEU A 214 -8.08 3.29 -13.12
N GLU A 215 -9.31 3.21 -12.63
CA GLU A 215 -10.25 4.32 -12.72
C GLU A 215 -9.74 5.53 -11.94
N LEU A 216 -9.24 5.28 -10.71
CA LEU A 216 -8.70 6.35 -9.87
C LEU A 216 -7.45 6.96 -10.50
N SER A 217 -6.58 6.11 -11.03
CA SER A 217 -5.40 6.57 -11.73
C SER A 217 -5.76 7.48 -12.89
N ALA A 218 -6.75 7.05 -13.68
CA ALA A 218 -7.19 7.83 -14.82
C ALA A 218 -7.66 9.22 -14.39
N ARG A 219 -8.36 9.29 -13.26
CA ARG A 219 -8.86 10.58 -12.76
C ARG A 219 -7.73 11.51 -12.34
N VAL A 220 -6.71 10.95 -11.69
CA VAL A 220 -5.55 11.74 -11.30
C VAL A 220 -4.78 12.22 -12.53
N LYS A 221 -4.66 11.33 -13.51
CA LYS A 221 -3.95 11.64 -14.74
C LYS A 221 -4.67 12.69 -15.56
N ALA A 222 -6.00 12.72 -15.47
CA ALA A 222 -6.78 13.74 -16.17
C ALA A 222 -6.41 15.14 -15.67
N ILE A 223 -5.98 15.21 -14.41
CA ILE A 223 -5.66 16.48 -13.78
C ILE A 223 -4.16 16.80 -13.85
N ARG A 224 -3.33 15.84 -13.48
CA ARG A 224 -1.88 16.07 -13.39
C ARG A 224 -1.11 15.72 -14.68
N GLY A 225 -1.71 14.92 -15.55
CA GLY A 225 -1.05 14.53 -16.79
C GLY A 225 -0.72 13.05 -16.87
N PRO A 226 -0.29 12.59 -18.05
CA PRO A 226 -0.12 11.17 -18.36
C PRO A 226 1.13 10.52 -17.77
N HIS A 227 2.07 11.34 -17.30
CA HIS A 227 3.36 10.84 -16.86
C HIS A 227 3.32 10.32 -15.43
N ILE A 228 2.20 10.52 -14.75
CA ILE A 228 2.04 10.01 -13.38
C ILE A 228 2.24 8.49 -13.37
N LYS A 229 3.13 8.04 -12.51
CA LYS A 229 3.40 6.61 -12.36
C LYS A 229 2.42 5.95 -11.41
N THR A 230 2.19 4.65 -11.57
CA THR A 230 1.37 3.93 -10.60
C THR A 230 2.13 2.81 -9.90
N ALA A 231 1.85 2.65 -8.59
CA ALA A 231 2.34 1.52 -7.82
C ALA A 231 1.21 1.01 -6.97
N ARG A 232 1.26 -0.27 -6.62
CA ARG A 232 0.30 -0.81 -5.68
C ARG A 232 0.98 -1.82 -4.76
N ASN A 233 0.67 -1.76 -3.47
CA ASN A 233 1.18 -2.76 -2.52
C ASN A 233 0.48 -4.12 -2.73
N ILE A 234 1.27 -5.17 -2.86
CA ILE A 234 0.72 -6.54 -2.91
C ILE A 234 1.23 -7.31 -1.71
N PHE A 235 0.37 -8.15 -1.13
CA PHE A 235 0.82 -9.03 -0.06
C PHE A 235 1.74 -10.10 -0.61
N ALA A 236 2.60 -10.65 0.24
CA ALA A 236 3.58 -11.65 -0.21
C ALA A 236 2.95 -12.98 -0.64
N LEU A 237 1.87 -13.39 0.01
CA LEU A 237 1.34 -14.71 -0.28
C LEU A 237 0.82 -14.85 -1.73
N PRO A 238 0.14 -13.83 -2.28
CA PRO A 238 -0.24 -13.97 -3.69
C PRO A 238 0.96 -14.14 -4.63
N VAL A 239 2.12 -13.70 -4.21
CA VAL A 239 3.34 -13.90 -5.00
C VAL A 239 3.89 -15.31 -4.82
N ILE A 240 4.11 -15.74 -3.57
CA ILE A 240 4.76 -17.02 -3.34
C ILE A 240 3.81 -18.22 -3.38
N GLN A 241 2.52 -17.96 -3.15
CA GLN A 241 1.50 -19.00 -3.13
C GLN A 241 0.29 -18.49 -3.90
N PRO A 242 0.35 -18.56 -5.24
CA PRO A 242 -0.66 -17.91 -6.08
C PRO A 242 -2.11 -18.37 -5.83
N GLU A 243 -2.34 -19.57 -5.30
CA GLU A 243 -3.71 -19.99 -5.00
C GLU A 243 -4.33 -19.08 -3.95
N SER A 244 -3.48 -18.35 -3.21
CA SER A 244 -3.98 -17.46 -2.16
C SER A 244 -4.72 -16.25 -2.72
N GLU A 245 -4.68 -16.06 -4.03
CA GLU A 245 -5.54 -15.04 -4.65
C GLU A 245 -7.00 -15.27 -4.25
N ALA A 246 -7.38 -16.50 -3.97
CA ALA A 246 -8.74 -16.80 -3.54
C ALA A 246 -9.13 -16.04 -2.28
N TRP A 247 -8.18 -15.75 -1.39
CA TRP A 247 -8.55 -15.03 -0.17
C TRP A 247 -7.85 -13.67 -0.03
N PHE A 248 -7.26 -13.18 -1.11
CA PHE A 248 -6.72 -11.83 -1.14
C PHE A 248 -7.32 -10.96 -2.24
N ALA A 249 -7.81 -11.60 -3.30
CA ALA A 249 -8.23 -10.90 -4.51
C ALA A 249 -7.10 -10.01 -5.05
N GLN A 250 -5.88 -10.54 -5.00
CA GLN A 250 -4.72 -9.88 -5.59
C GLN A 250 -3.99 -10.93 -6.43
N ASN A 251 -3.57 -10.54 -7.63
CA ASN A 251 -2.92 -11.45 -8.57
C ASN A 251 -1.63 -10.80 -9.05
N TYR A 252 -0.50 -11.45 -8.82
CA TYR A 252 0.80 -10.83 -9.06
C TYR A 252 1.00 -10.49 -10.53
N ALA A 253 0.68 -11.42 -11.42
CA ALA A 253 0.79 -11.18 -12.85
C ALA A 253 -0.06 -9.99 -13.29
N ASP A 254 -1.26 -9.88 -12.70
CA ASP A 254 -2.17 -8.76 -12.96
C ASP A 254 -1.53 -7.44 -12.56
N PHE A 255 -0.92 -7.42 -11.38
CA PHE A 255 -0.24 -6.22 -10.89
C PHE A 255 0.86 -5.83 -11.85
N LEU A 256 1.67 -6.80 -12.27
CA LEU A 256 2.82 -6.53 -13.13
C LEU A 256 2.39 -5.93 -14.48
N LYS A 257 1.20 -6.32 -14.93
CA LYS A 257 0.67 -5.83 -16.18
C LYS A 257 0.02 -4.45 -16.04
N SER A 258 -0.56 -4.20 -14.87
CA SER A 258 -1.42 -3.04 -14.67
C SER A 258 -0.71 -1.81 -14.14
N TYR A 259 0.36 -1.99 -13.34
CA TYR A 259 1.02 -0.87 -12.67
C TYR A 259 2.47 -0.74 -13.12
N ASP A 260 3.01 0.47 -13.00
CA ASP A 260 4.42 0.66 -13.27
C ASP A 260 5.28 -0.09 -12.27
N TRP A 261 4.83 -0.12 -11.02
CA TRP A 261 5.53 -0.81 -9.93
C TRP A 261 4.62 -1.64 -9.07
N THR A 262 5.08 -2.85 -8.75
CA THR A 262 4.38 -3.72 -7.83
C THR A 262 5.21 -3.76 -6.56
N ALA A 263 4.66 -3.19 -5.47
CA ALA A 263 5.44 -3.03 -4.23
C ALA A 263 5.10 -4.18 -3.29
N ILE A 264 5.99 -5.17 -3.29
CA ILE A 264 5.75 -6.41 -2.57
C ILE A 264 6.09 -6.23 -1.11
N MET A 265 5.17 -6.61 -0.23
CA MET A 265 5.43 -6.49 1.19
C MET A 265 6.25 -7.68 1.65
N ALA A 266 7.56 -7.54 1.50
CA ALA A 266 8.51 -8.61 1.78
C ALA A 266 8.84 -8.60 3.25
N MET A 267 7.86 -8.98 4.05
CA MET A 267 7.90 -8.74 5.47
C MET A 267 7.65 -10.03 6.23
N PRO A 268 8.73 -10.76 6.56
CA PRO A 268 8.55 -12.13 7.08
C PRO A 268 7.90 -12.15 8.44
N TYR A 269 8.24 -11.20 9.31
CA TYR A 269 7.68 -11.21 10.67
C TYR A 269 6.18 -10.88 10.63
N LEU A 270 5.79 -10.04 9.67
CA LEU A 270 4.37 -9.76 9.45
C LEU A 270 3.63 -11.03 9.07
N GLU A 271 4.32 -11.89 8.33
CA GLU A 271 3.73 -13.13 7.85
C GLU A 271 3.86 -14.27 8.86
N GLY A 272 4.41 -13.99 10.03
CA GLY A 272 4.51 -14.98 11.09
C GLY A 272 5.68 -15.94 10.98
N VAL A 273 6.66 -15.58 10.16
CA VAL A 273 7.86 -16.39 9.98
C VAL A 273 8.82 -16.19 11.14
N ALA A 274 9.40 -17.28 11.62
CA ALA A 274 10.34 -17.23 12.75
C ALA A 274 11.63 -16.48 12.38
N GLU A 275 12.26 -15.86 13.37
CA GLU A 275 13.48 -15.10 13.15
C GLU A 275 14.55 -15.92 12.42
N LYS A 276 14.75 -17.17 12.84
CA LYS A 276 15.76 -18.04 12.25
C LYS A 276 15.39 -18.51 10.84
N SER A 277 14.17 -18.22 10.41
CA SER A 277 13.68 -18.69 9.10
C SER A 277 13.45 -17.53 8.13
N ALA A 278 13.60 -16.30 8.62
CA ALA A 278 13.24 -15.13 7.83
C ALA A 278 14.09 -14.97 6.57
N ASP A 279 15.39 -15.23 6.68
CA ASP A 279 16.27 -15.08 5.52
C ASP A 279 15.86 -16.06 4.42
N GLN A 280 15.61 -17.31 4.81
CA GLN A 280 15.23 -18.33 3.84
C GLN A 280 13.92 -17.94 3.16
N TRP A 281 13.00 -17.38 3.94
CA TRP A 281 11.72 -16.94 3.41
C TRP A 281 11.92 -15.88 2.33
N LEU A 282 12.79 -14.91 2.60
CA LEU A 282 13.09 -13.87 1.63
C LEU A 282 13.75 -14.42 0.38
N ILE A 283 14.66 -15.38 0.56
CA ILE A 283 15.32 -16.02 -0.58
C ILE A 283 14.29 -16.73 -1.45
N GLN A 284 13.37 -17.44 -0.81
CA GLN A 284 12.32 -18.13 -1.55
C GLN A 284 11.44 -17.14 -2.30
N LEU A 285 11.14 -16.00 -1.69
CA LEU A 285 10.38 -14.95 -2.36
C LEU A 285 11.10 -14.42 -3.59
N THR A 286 12.39 -14.12 -3.46
CA THR A 286 13.15 -13.60 -4.59
C THR A 286 13.29 -14.65 -5.68
N ASN A 287 13.41 -15.92 -5.29
CA ASN A 287 13.46 -16.99 -6.27
C ASN A 287 12.19 -17.05 -7.10
N GLN A 288 11.05 -16.86 -6.44
CA GLN A 288 9.77 -16.95 -7.11
C GLN A 288 9.63 -15.82 -8.12
N ILE A 289 10.08 -14.63 -7.71
CA ILE A 289 10.05 -13.46 -8.56
C ILE A 289 10.95 -13.63 -9.78
N LYS A 290 12.17 -14.10 -9.55
CA LYS A 290 13.14 -14.24 -10.63
C LYS A 290 12.71 -15.30 -11.65
N ASN A 291 11.78 -16.18 -11.26
CA ASN A 291 11.29 -17.23 -12.15
C ASN A 291 10.21 -16.73 -13.11
N ILE A 292 9.76 -15.51 -12.90
CA ILE A 292 8.84 -14.85 -13.80
C ILE A 292 9.63 -13.80 -14.58
N PRO A 293 9.83 -14.04 -15.89
CA PRO A 293 10.61 -13.13 -16.73
C PRO A 293 10.24 -11.67 -16.57
N GLN A 294 11.23 -10.86 -16.20
CA GLN A 294 11.12 -9.41 -16.08
C GLN A 294 10.32 -8.92 -14.88
N ALA A 295 9.79 -9.84 -14.07
CA ALA A 295 9.04 -9.44 -12.87
C ALA A 295 9.85 -8.55 -11.95
N LYS A 296 11.13 -8.89 -11.73
CA LYS A 296 11.91 -8.14 -10.77
C LYS A 296 12.14 -6.72 -11.26
N ASP A 297 12.04 -6.51 -12.57
CA ASP A 297 12.30 -5.20 -13.15
C ASP A 297 11.14 -4.24 -12.96
N LYS A 298 9.98 -4.78 -12.57
CA LYS A 298 8.78 -3.97 -12.30
C LYS A 298 8.29 -4.14 -10.86
N SER A 299 9.12 -4.72 -10.00
CA SER A 299 8.76 -4.96 -8.61
C SER A 299 9.72 -4.25 -7.66
N ILE A 300 9.18 -3.77 -6.56
CA ILE A 300 9.96 -3.22 -5.45
C ILE A 300 9.75 -4.15 -4.27
N LEU A 301 10.83 -4.62 -3.65
CA LEU A 301 10.63 -5.43 -2.44
C LEU A 301 10.70 -4.52 -1.23
N GLU A 302 9.58 -4.41 -0.54
CA GLU A 302 9.47 -3.53 0.60
C GLU A 302 9.67 -4.30 1.90
N LEU A 303 10.78 -4.02 2.58
CA LEU A 303 11.10 -4.65 3.85
C LEU A 303 10.41 -3.95 4.99
N GLN A 304 10.22 -4.65 6.11
CA GLN A 304 9.67 -4.01 7.30
C GLN A 304 10.77 -3.52 8.26
N ALA A 305 10.57 -2.34 8.82
CA ALA A 305 11.51 -1.77 9.78
C ALA A 305 10.91 -1.70 11.17
N GLN A 306 9.67 -2.18 11.32
CA GLN A 306 9.04 -2.37 12.61
C GLN A 306 8.39 -3.74 12.61
N ASN A 307 8.25 -4.31 13.80
CA ASN A 307 7.59 -5.60 14.01
C ASN A 307 6.26 -5.34 14.70
N TRP A 308 5.17 -5.38 13.94
CA TRP A 308 3.90 -4.86 14.45
C TRP A 308 3.19 -5.81 15.41
N GLN A 309 2.63 -5.24 16.47
CA GLN A 309 1.96 -6.02 17.50
C GLN A 309 0.46 -5.80 17.46
N LYS A 310 -0.31 -6.88 17.55
CA LYS A 310 -1.75 -6.79 17.73
C LYS A 310 -2.03 -6.00 19.00
N ASN A 311 -1.13 -6.16 19.97
CA ASN A 311 -1.13 -5.37 21.19
C ASN A 311 -1.11 -3.86 20.92
N GLY A 312 -0.47 -3.45 19.83
CA GLY A 312 -0.46 -2.06 19.41
C GLY A 312 0.86 -1.36 19.64
N GLN A 313 1.65 -1.87 20.58
CA GLN A 313 2.97 -1.31 20.84
C GLN A 313 4.02 -1.95 19.93
N HIS A 314 4.08 -1.47 18.70
CA HIS A 314 5.01 -1.97 17.70
C HIS A 314 6.46 -1.91 18.20
N GLN A 315 7.29 -2.83 17.72
CA GLN A 315 8.69 -2.90 18.15
C GLN A 315 9.64 -2.71 16.98
N ALA A 316 10.64 -1.86 17.18
CA ALA A 316 11.57 -1.58 16.09
C ALA A 316 12.37 -2.81 15.74
N ILE A 317 12.66 -2.95 14.45
CA ILE A 317 13.59 -3.94 13.95
C ILE A 317 14.94 -3.23 13.91
N SER A 318 16.00 -3.90 14.36
CA SER A 318 17.30 -3.24 14.48
C SER A 318 17.80 -2.77 13.12
N SER A 319 18.60 -1.70 13.12
CA SER A 319 19.15 -1.23 11.86
C SER A 319 20.05 -2.30 11.26
N GLN A 320 20.72 -3.06 12.11
CA GLN A 320 21.59 -4.13 11.65
C GLN A 320 20.80 -5.20 10.91
N GLN A 321 19.64 -5.56 11.44
CA GLN A 321 18.77 -6.54 10.81
C GLN A 321 18.26 -6.06 9.44
N LEU A 322 17.85 -4.80 9.37
CA LEU A 322 17.35 -4.24 8.12
C LEU A 322 18.46 -4.19 7.08
N ALA A 323 19.65 -3.75 7.49
CA ALA A 323 20.79 -3.69 6.57
C ALA A 323 21.15 -5.09 6.07
N HIS A 324 21.06 -6.05 6.98
CA HIS A 324 21.31 -7.46 6.66
C HIS A 324 20.37 -7.94 5.58
N TRP A 325 19.09 -7.63 5.71
CA TRP A 325 18.10 -8.03 4.72
C TRP A 325 18.34 -7.33 3.37
N MET A 326 18.74 -6.06 3.43
CA MET A 326 19.02 -5.32 2.19
C MET A 326 20.19 -5.95 1.47
N SER A 327 21.22 -6.30 2.22
CA SER A 327 22.36 -7.02 1.68
C SER A 327 21.91 -8.35 1.08
N LEU A 328 21.06 -9.07 1.81
CA LEU A 328 20.54 -10.35 1.34
C LEU A 328 19.86 -10.21 -0.03
N LEU A 329 19.03 -9.19 -0.19
CA LEU A 329 18.34 -8.96 -1.45
C LEU A 329 19.34 -8.74 -2.59
N GLN A 330 20.29 -7.85 -2.37
CA GLN A 330 21.30 -7.57 -3.39
C GLN A 330 22.04 -8.84 -3.79
N LEU A 331 22.42 -9.65 -2.80
CA LEU A 331 23.21 -10.84 -3.05
C LEU A 331 22.41 -11.91 -3.78
N ASN A 332 21.09 -11.77 -3.75
CA ASN A 332 20.19 -12.66 -4.45
C ASN A 332 19.63 -12.03 -5.73
N GLY A 333 20.31 -11.00 -6.21
CA GLY A 333 20.01 -10.43 -7.52
C GLY A 333 18.84 -9.47 -7.60
N VAL A 334 18.43 -8.92 -6.46
CA VAL A 334 17.31 -8.00 -6.43
C VAL A 334 17.83 -6.60 -6.17
N LYS A 335 17.56 -5.68 -7.07
CA LYS A 335 18.13 -4.34 -6.93
C LYS A 335 17.13 -3.26 -6.59
N ASN A 336 15.83 -3.56 -6.71
CA ASN A 336 14.80 -2.59 -6.36
C ASN A 336 14.14 -2.92 -5.03
N TYR A 337 14.31 -2.05 -4.05
CA TYR A 337 13.79 -2.34 -2.72
C TYR A 337 13.68 -1.10 -1.87
N GLY A 338 13.03 -1.26 -0.72
CA GLY A 338 12.83 -0.15 0.18
C GLY A 338 12.38 -0.66 1.53
N TYR A 339 11.89 0.25 2.36
CA TYR A 339 11.37 -0.18 3.65
C TYR A 339 10.27 0.72 4.17
N TYR A 340 9.50 0.15 5.09
CA TYR A 340 8.43 0.84 5.81
C TYR A 340 8.48 0.36 7.26
N PRO A 341 8.33 1.26 8.24
CA PRO A 341 8.19 2.71 8.17
C PRO A 341 9.51 3.38 8.50
N ASP A 342 9.55 4.69 8.33
CA ASP A 342 10.72 5.48 8.69
C ASP A 342 10.40 6.33 9.92
N ASN A 343 11.37 6.52 10.80
CA ASN A 343 11.14 7.36 11.96
C ASN A 343 12.24 8.40 12.12
N PHE A 344 12.04 9.56 11.52
CA PHE A 344 13.04 10.63 11.59
C PHE A 344 13.31 11.10 13.01
N LEU A 345 12.31 11.01 13.89
CA LEU A 345 12.46 11.55 15.23
C LEU A 345 13.51 10.79 16.02
N HIS A 346 13.77 9.54 15.64
CA HIS A 346 14.73 8.76 16.40
C HIS A 346 15.87 8.20 15.56
N ASN A 347 16.01 8.70 14.34
CA ASN A 347 16.97 8.17 13.37
C ASN A 347 16.88 6.66 13.32
N GLN A 348 15.67 6.18 13.06
CA GLN A 348 15.39 4.76 13.03
C GLN A 348 14.67 4.42 11.73
N PRO A 349 15.30 3.62 10.87
CA PRO A 349 16.63 3.02 11.00
C PRO A 349 17.77 4.04 10.94
N GLU A 350 18.93 3.68 11.48
CA GLU A 350 20.07 4.59 11.52
C GLU A 350 20.62 4.80 10.13
N ILE A 351 20.58 6.04 9.67
CA ILE A 351 21.01 6.38 8.33
C ILE A 351 22.43 5.89 8.04
N ASP A 352 23.34 6.01 9.00
CA ASP A 352 24.73 5.61 8.75
C ASP A 352 24.89 4.10 8.57
N LEU A 353 23.99 3.31 9.16
CA LEU A 353 24.05 1.86 9.04
C LEU A 353 23.33 1.35 7.81
N ILE A 354 22.31 2.09 7.36
CA ILE A 354 21.47 1.69 6.25
C ILE A 354 22.04 2.14 4.92
N ARG A 355 22.58 3.35 4.86
CA ARG A 355 23.07 3.86 3.58
C ARG A 355 24.01 2.92 2.80
N PRO A 356 24.97 2.25 3.47
CA PRO A 356 25.89 1.39 2.72
C PRO A 356 25.20 0.29 1.93
N GLU A 357 23.98 -0.09 2.33
CA GLU A 357 23.24 -1.17 1.68
C GLU A 357 22.03 -0.67 0.91
N PHE A 358 21.85 0.65 0.88
CA PHE A 358 20.59 1.23 0.42
C PHE A 358 20.81 2.30 -0.63
N SER A 359 21.77 3.19 -0.40
CA SER A 359 22.09 4.25 -1.34
C SER A 359 23.07 3.77 -2.39
N THR A 360 22.72 3.98 -3.66
CA THR A 360 23.68 3.68 -4.73
C THR A 360 24.87 4.66 -4.72
N ALA A 361 24.69 5.81 -4.08
CA ALA A 361 25.70 6.85 -4.06
C ALA A 361 26.71 6.71 -2.92
N TRP A 362 26.57 5.67 -2.10
CA TRP A 362 27.39 5.53 -0.89
C TRP A 362 28.88 5.27 -1.14
N TYR A 363 29.71 6.01 -0.39
CA TYR A 363 31.16 5.84 -0.33
C TYR A 363 31.82 5.65 -1.69
#